data_3Q1F
#
_entry.id   3Q1F
#
_cell.length_a   45.098
_cell.length_b   106.606
_cell.length_c   47.541
_cell.angle_alpha   90.00
_cell.angle_beta   101.92
_cell.angle_gamma   90.00
#
_symmetry.space_group_name_H-M   'P 1 21 1'
#
loop_
_entity.id
_entity.type
_entity.pdbx_description
1 polymer Beta-lactamase
2 non-polymer 'Hydrolyzed piperacillin'
3 water water
#
_entity_poly.entity_id   1
_entity_poly.type   'polypeptide(L)'
_entity_poly.pdbx_seq_one_letter_code
;QTSAVQQKLAALEKSSGGRLGVALIDTADNTQVLYRGDERFPMCGTSKVMAAAAVLKQSETQKQLLNQPVEIKPADLVNY
NPIAEKHVNGTMTLAELSAAALQYSDNTAMNKLIAQLGGPGGVTAFARAIGDETFRLDRTEPTLNTAIPGDPRDTTTPRA
MAQTLRQLTLGHALGETQRAQLVTWLKGNTTGAASIRAGLPTSWTAGDKTGSGDYGTTNDIAVIWPQGRAPLVLVTYFTQ
PQQNAESRRDVLASAARIIAEGL
;
_entity_poly.pdbx_strand_id   A,B
#
loop_
_chem_comp.id
_chem_comp.type
_chem_comp.name
_chem_comp.formula
YPP non-polymer 'Hydrolyzed piperacillin' 'C23 H29 N5 O8 S'
#
# COMPACT_ATOMS: atom_id res chain seq x y z
N THR A 2 -3.44 -1.06 -2.94
CA THR A 2 -3.28 0.40 -2.64
C THR A 2 -3.24 0.64 -1.13
N SER A 3 -2.06 1.04 -0.65
CA SER A 3 -1.88 1.30 0.78
C SER A 3 -2.46 2.66 1.17
N ALA A 4 -2.53 2.92 2.47
CA ALA A 4 -3.04 4.19 2.96
C ALA A 4 -2.15 5.32 2.45
N VAL A 5 -0.84 5.11 2.51
CA VAL A 5 0.11 6.12 2.02
C VAL A 5 -0.04 6.34 0.51
N GLN A 6 -0.16 5.26 -0.25
CA GLN A 6 -0.36 5.40 -1.68
C GLN A 6 -1.65 6.15 -1.98
N GLN A 7 -2.70 5.89 -1.20
CA GLN A 7 -3.98 6.57 -1.42
C GLN A 7 -3.87 8.07 -1.10
N LYS A 8 -3.08 8.40 -0.08
CA LYS A 8 -2.86 9.80 0.29
C LYS A 8 -2.07 10.53 -0.81
N LEU A 9 -1.08 9.84 -1.38
CA LEU A 9 -0.30 10.42 -2.48
C LEU A 9 -1.16 10.61 -3.73
N ALA A 10 -2.09 9.68 -3.97
CA ALA A 10 -2.99 9.83 -5.11
C ALA A 10 -3.91 11.04 -4.91
N ALA A 11 -4.36 11.25 -3.68
CA ALA A 11 -5.24 12.38 -3.35
C ALA A 11 -4.48 13.70 -3.52
N LEU A 12 -3.21 13.71 -3.11
CA LEU A 12 -2.39 14.89 -3.30
C LEU A 12 -2.23 15.17 -4.79
N GLU A 13 -1.92 14.11 -5.55
CA GLU A 13 -1.77 14.27 -6.97
C GLU A 13 -3.05 14.84 -7.60
N LYS A 14 -4.20 14.29 -7.19
CA LYS A 14 -5.48 14.70 -7.73
C LYS A 14 -5.71 16.21 -7.60
N SER A 15 -5.36 16.77 -6.44
CA SER A 15 -5.53 18.21 -6.21
C SER A 15 -4.41 19.08 -6.75
N SER A 16 -3.38 18.43 -7.28
N SER A 16 -3.28 18.44 -7.10
CA SER A 16 -2.25 19.14 -7.88
CA SER A 16 -2.07 19.17 -7.50
C SER A 16 -2.52 19.37 -9.35
C SER A 16 -2.03 19.72 -8.94
N GLY A 17 -3.27 18.46 -9.98
N GLY A 17 -2.84 19.14 -9.82
CA GLY A 17 -3.55 18.56 -11.40
CA GLY A 17 -2.88 19.54 -11.22
C GLY A 17 -2.40 18.07 -12.25
C GLY A 17 -1.77 18.96 -12.11
N GLY A 18 -1.30 17.69 -11.58
N GLY A 18 -1.25 17.78 -11.75
CA GLY A 18 -0.11 17.21 -12.27
CA GLY A 18 -0.18 17.16 -12.55
C GLY A 18 0.08 15.72 -12.04
C GLY A 18 -0.01 15.67 -12.36
N ARG A 19 1.25 15.21 -12.48
CA ARG A 19 1.57 13.79 -12.33
C ARG A 19 2.73 13.65 -11.36
N LEU A 20 2.50 12.88 -10.31
CA LEU A 20 3.45 12.71 -9.22
C LEU A 20 4.05 11.31 -9.21
N GLY A 21 5.35 11.24 -8.98
CA GLY A 21 6.04 9.96 -8.86
C GLY A 21 6.86 9.93 -7.59
N VAL A 22 6.70 8.90 -6.80
CA VAL A 22 7.40 8.80 -5.53
C VAL A 22 8.01 7.42 -5.36
N ALA A 23 9.19 7.37 -4.78
CA ALA A 23 9.81 6.12 -4.38
C ALA A 23 10.57 6.33 -3.10
N LEU A 24 10.18 5.58 -2.09
CA LEU A 24 10.87 5.56 -0.82
C LEU A 24 11.52 4.21 -0.60
N ILE A 25 12.70 4.24 -0.01
CA ILE A 25 13.38 3.02 0.41
C ILE A 25 13.71 3.32 1.85
N ASP A 26 13.19 2.49 2.75
CA ASP A 26 13.47 2.64 4.18
C ASP A 26 14.51 1.63 4.51
N THR A 27 15.75 2.07 4.78
CA THR A 27 16.82 1.11 5.04
C THR A 27 16.71 0.40 6.39
N ALA A 28 15.70 0.76 7.17
CA ALA A 28 15.43 0.06 8.46
C ALA A 28 15.03 -1.38 8.17
N ASP A 29 14.33 -1.59 7.05
CA ASP A 29 13.83 -2.92 6.67
C ASP A 29 13.92 -3.19 5.16
N ASN A 30 14.48 -2.24 4.42
CA ASN A 30 14.62 -2.35 2.95
C ASN A 30 13.29 -2.33 2.20
N THR A 31 12.22 -1.95 2.89
CA THR A 31 10.91 -1.88 2.25
C THR A 31 10.79 -0.63 1.38
N GLN A 32 9.88 -0.68 0.44
CA GLN A 32 9.69 0.41 -0.48
C GLN A 32 8.25 0.83 -0.54
N VAL A 33 8.04 2.12 -0.74
CA VAL A 33 6.72 2.67 -0.97
C VAL A 33 6.84 3.35 -2.32
N LEU A 34 6.00 2.96 -3.26
CA LEU A 34 6.04 3.52 -4.60
CA LEU A 34 6.06 3.54 -4.59
C LEU A 34 4.72 4.11 -5.02
N TYR A 35 4.78 5.18 -5.79
CA TYR A 35 3.59 5.79 -6.37
C TYR A 35 4.04 6.18 -7.78
N ARG A 36 3.44 5.54 -8.79
CA ARG A 36 3.91 5.68 -10.19
C ARG A 36 5.41 5.38 -10.25
N GLY A 37 5.83 4.41 -9.45
CA GLY A 37 7.24 4.07 -9.32
C GLY A 37 7.93 3.62 -10.57
N ASP A 38 7.18 3.07 -11.51
CA ASP A 38 7.76 2.58 -12.74
C ASP A 38 7.41 3.43 -13.96
N GLU A 39 6.87 4.62 -13.72
CA GLU A 39 6.61 5.56 -14.83
C GLU A 39 7.83 6.47 -15.02
N ARG A 40 8.06 6.89 -16.25
CA ARG A 40 9.18 7.78 -16.55
C ARG A 40 8.84 9.25 -16.29
N PHE A 41 9.83 9.96 -15.77
CA PHE A 41 9.73 11.39 -15.50
C PHE A 41 11.01 12.04 -15.98
N PRO A 42 10.93 13.29 -16.44
CA PRO A 42 12.15 14.03 -16.80
C PRO A 42 12.95 14.33 -15.52
N MET A 43 14.23 14.01 -15.52
CA MET A 43 15.05 14.18 -14.32
C MET A 43 15.44 15.59 -14.02
N CYS A 44 15.64 16.39 -15.08
CA CYS A 44 16.20 17.74 -14.96
C CYS A 44 17.46 17.66 -14.09
N GLY A 45 17.64 18.62 -13.18
CA GLY A 45 18.87 18.65 -12.37
C GLY A 45 19.15 17.49 -11.44
N THR A 46 18.17 16.62 -11.19
CA THR A 46 18.45 15.46 -10.34
C THR A 46 19.48 14.52 -11.03
N SER A 47 19.63 14.68 -12.35
CA SER A 47 20.62 13.91 -13.11
C SER A 47 22.04 14.30 -12.73
N LYS A 48 22.21 15.46 -12.12
CA LYS A 48 23.54 15.92 -11.73
C LYS A 48 24.21 15.00 -10.72
N VAL A 49 23.41 14.30 -9.91
CA VAL A 49 23.98 13.33 -8.97
C VAL A 49 24.67 12.19 -9.74
N MET A 50 24.05 11.70 -10.80
CA MET A 50 24.68 10.61 -11.56
C MET A 50 25.99 11.04 -12.21
N ALA A 51 26.00 12.25 -12.76
CA ALA A 51 27.22 12.77 -13.38
C ALA A 51 28.35 12.97 -12.37
N ALA A 52 28.04 13.59 -11.22
CA ALA A 52 29.05 13.80 -10.20
C ALA A 52 29.57 12.46 -9.66
N ALA A 53 28.67 11.50 -9.46
CA ALA A 53 29.05 10.17 -8.99
C ALA A 53 29.96 9.45 -9.98
N ALA A 54 29.68 9.63 -11.28
CA ALA A 54 30.49 9.00 -12.31
C ALA A 54 31.91 9.54 -12.27
N VAL A 55 32.05 10.85 -12.05
CA VAL A 55 33.37 11.47 -11.94
C VAL A 55 34.08 11.00 -10.66
N LEU A 56 33.33 10.87 -9.57
CA LEU A 56 33.91 10.35 -8.34
C LEU A 56 34.44 8.94 -8.58
N LYS A 57 33.69 8.13 -9.32
CA LYS A 57 34.14 6.77 -9.62
C LYS A 57 35.45 6.82 -10.42
N GLN A 58 35.53 7.69 -11.41
CA GLN A 58 36.75 7.80 -12.19
C GLN A 58 37.91 8.20 -11.29
N SER A 59 37.66 9.08 -10.32
CA SER A 59 38.70 9.55 -9.42
C SER A 59 39.27 8.46 -8.52
N GLU A 60 38.58 7.32 -8.43
CA GLU A 60 39.10 6.21 -7.62
C GLU A 60 40.37 5.64 -8.23
N THR A 61 40.49 5.73 -9.56
CA THR A 61 41.67 5.19 -10.27
C THR A 61 42.54 6.24 -10.98
N GLN A 62 41.95 7.39 -11.36
CA GLN A 62 42.74 8.51 -11.89
C GLN A 62 42.80 9.44 -10.70
N LYS A 63 43.75 9.12 -9.82
CA LYS A 63 43.90 9.72 -8.48
C LYS A 63 43.85 11.25 -8.30
N GLN A 64 44.40 12.00 -9.24
CA GLN A 64 44.43 13.47 -9.11
C GLN A 64 43.36 14.15 -9.96
N LEU A 65 42.42 13.35 -10.44
CA LEU A 65 41.38 13.85 -11.32
C LEU A 65 40.59 15.02 -10.72
N LEU A 66 40.21 14.93 -9.45
CA LEU A 66 39.39 15.99 -8.85
C LEU A 66 40.14 17.32 -8.74
N ASN A 67 41.45 17.28 -8.87
CA ASN A 67 42.26 18.50 -8.80
C ASN A 67 42.64 19.03 -10.18
N GLN A 68 42.22 18.29 -11.20
CA GLN A 68 42.48 18.64 -12.60
CA GLN A 68 42.51 18.67 -12.58
C GLN A 68 41.76 19.94 -12.98
N PRO A 69 42.50 20.94 -13.47
CA PRO A 69 41.87 22.19 -13.88
C PRO A 69 41.15 22.04 -15.20
N VAL A 70 39.97 22.65 -15.29
CA VAL A 70 39.18 22.62 -16.48
C VAL A 70 38.94 24.05 -16.91
N GLU A 71 39.25 24.37 -18.16
CA GLU A 71 39.07 25.74 -18.66
C GLU A 71 37.59 26.11 -18.79
N ILE A 72 37.24 27.31 -18.31
CA ILE A 72 35.91 27.82 -18.46
C ILE A 72 35.98 29.01 -19.42
N LYS A 73 35.36 28.87 -20.58
CA LYS A 73 35.38 29.94 -21.59
C LYS A 73 34.02 30.63 -21.66
N PRO A 74 33.98 31.88 -22.15
CA PRO A 74 32.71 32.59 -22.26
C PRO A 74 31.65 31.79 -23.00
N ALA A 75 32.05 31.04 -24.03
CA ALA A 75 31.14 30.22 -24.82
C ALA A 75 30.53 29.03 -24.04
N ASP A 76 31.16 28.66 -22.92
CA ASP A 76 30.68 27.55 -22.09
C ASP A 76 29.46 27.93 -21.26
N LEU A 77 29.28 29.22 -21.00
CA LEU A 77 28.18 29.64 -20.15
C LEU A 77 26.85 29.34 -20.80
N VAL A 78 25.92 28.84 -20.01
CA VAL A 78 24.59 28.55 -20.49
C VAL A 78 23.55 29.42 -19.77
N ASN A 79 22.43 28.85 -19.34
CA ASN A 79 21.35 29.66 -18.77
C ASN A 79 21.46 30.01 -17.28
N TYR A 80 22.16 29.17 -16.52
CA TYR A 80 22.27 29.36 -15.09
C TYR A 80 23.60 28.82 -14.65
N ASN A 81 24.51 29.73 -14.31
CA ASN A 81 25.89 29.35 -13.98
C ASN A 81 26.47 30.29 -12.95
N PRO A 82 25.88 30.32 -11.76
CA PRO A 82 26.29 31.26 -10.74
C PRO A 82 27.76 31.08 -10.34
N ILE A 83 28.27 29.85 -10.36
CA ILE A 83 29.64 29.64 -9.97
C ILE A 83 30.60 29.75 -11.16
N ALA A 84 30.26 29.08 -12.26
CA ALA A 84 31.13 29.10 -13.42
C ALA A 84 31.40 30.49 -13.97
N GLU A 85 30.41 31.38 -13.91
CA GLU A 85 30.63 32.71 -14.50
C GLU A 85 31.71 33.48 -13.77
N LYS A 86 31.95 33.14 -12.50
CA LYS A 86 33.01 33.79 -11.73
C LYS A 86 34.38 33.38 -12.26
N HIS A 87 34.44 32.26 -12.96
CA HIS A 87 35.71 31.71 -13.40
C HIS A 87 35.95 31.70 -14.90
N VAL A 88 35.13 32.42 -15.65
CA VAL A 88 35.30 32.52 -17.10
C VAL A 88 36.69 33.06 -17.41
N ASN A 89 37.34 32.46 -18.42
CA ASN A 89 38.71 32.80 -18.79
C ASN A 89 39.73 32.30 -17.78
N GLY A 90 39.26 31.46 -16.85
CA GLY A 90 40.10 30.85 -15.84
C GLY A 90 39.80 29.37 -15.82
N THR A 91 40.01 28.74 -14.67
CA THR A 91 39.77 27.30 -14.53
C THR A 91 39.06 26.95 -13.24
N MET A 92 38.45 25.77 -13.24
CA MET A 92 37.85 25.19 -12.04
C MET A 92 38.26 23.75 -12.05
N THR A 93 38.45 23.15 -10.88
CA THR A 93 38.79 21.71 -10.85
C THR A 93 37.52 20.89 -10.95
N LEU A 94 37.66 19.60 -11.23
CA LEU A 94 36.47 18.75 -11.29
C LEU A 94 35.78 18.65 -9.91
N ALA A 95 36.53 18.81 -8.80
CA ALA A 95 35.85 18.83 -7.51
C ALA A 95 35.00 20.13 -7.41
N GLU A 96 35.57 21.25 -7.84
CA GLU A 96 34.83 22.52 -7.80
C GLU A 96 33.61 22.44 -8.70
N LEU A 97 33.76 21.79 -9.86
CA LEU A 97 32.65 21.66 -10.81
C LEU A 97 31.56 20.74 -10.22
N SER A 98 31.97 19.67 -9.56
CA SER A 98 31.03 18.78 -8.90
C SER A 98 30.25 19.49 -7.80
N ALA A 99 30.96 20.23 -6.94
CA ALA A 99 30.30 20.96 -5.87
C ALA A 99 29.35 22.01 -6.43
N ALA A 100 29.78 22.70 -7.47
CA ALA A 100 28.92 23.75 -8.05
C ALA A 100 27.66 23.14 -8.66
N ALA A 101 27.83 22.06 -9.39
CA ALA A 101 26.70 21.38 -10.03
C ALA A 101 25.70 20.87 -8.98
N LEU A 102 26.21 20.25 -7.92
CA LEU A 102 25.34 19.66 -6.93
C LEU A 102 24.73 20.68 -5.98
N GLN A 103 25.58 21.55 -5.42
CA GLN A 103 25.10 22.45 -4.36
C GLN A 103 24.45 23.74 -4.82
N TYR A 104 24.78 24.18 -6.04
CA TYR A 104 24.22 25.41 -6.62
C TYR A 104 23.44 25.14 -7.90
N SER A 105 23.43 23.89 -8.34
CA SER A 105 22.76 23.50 -9.58
C SER A 105 23.31 24.27 -10.78
N ASP A 106 24.60 24.53 -10.78
CA ASP A 106 25.25 25.22 -11.88
C ASP A 106 25.23 24.36 -13.15
N ASN A 107 24.64 24.89 -14.22
CA ASN A 107 24.47 24.12 -15.47
C ASN A 107 25.74 24.02 -16.31
N THR A 108 26.59 25.05 -16.26
CA THR A 108 27.86 24.98 -16.97
C THR A 108 28.73 23.91 -16.27
N ALA A 109 28.70 23.90 -14.94
CA ALA A 109 29.46 22.88 -14.18
C ALA A 109 29.01 21.45 -14.59
N MET A 110 27.69 21.24 -14.67
CA MET A 110 27.18 19.96 -15.13
C MET A 110 27.72 19.62 -16.52
N ASN A 111 27.72 20.59 -17.43
CA ASN A 111 28.25 20.29 -18.78
C ASN A 111 29.71 19.87 -18.77
N LYS A 112 30.49 20.41 -17.84
CA LYS A 112 31.89 20.01 -17.73
C LYS A 112 32.01 18.57 -17.19
N LEU A 113 31.09 18.16 -16.30
CA LEU A 113 31.07 16.79 -15.81
C LEU A 113 30.72 15.86 -16.98
N ILE A 114 29.69 16.23 -17.72
CA ILE A 114 29.27 15.44 -18.86
C ILE A 114 30.43 15.30 -19.87
N ALA A 115 31.09 16.41 -20.18
CA ALA A 115 32.21 16.38 -21.14
C ALA A 115 33.32 15.47 -20.64
N GLN A 116 33.63 15.53 -19.35
CA GLN A 116 34.67 14.66 -18.78
C GLN A 116 34.33 13.18 -19.01
N LEU A 117 33.03 12.87 -19.00
CA LEU A 117 32.55 11.49 -19.17
C LEU A 117 32.36 11.09 -20.64
N GLY A 118 32.66 11.99 -21.57
CA GLY A 118 32.55 11.69 -23.01
C GLY A 118 31.18 11.97 -23.61
N GLY A 119 30.36 12.72 -22.91
CA GLY A 119 29.04 13.06 -23.39
C GLY A 119 27.93 12.45 -22.54
N PRO A 120 26.70 12.80 -22.84
CA PRO A 120 25.60 12.27 -22.02
C PRO A 120 25.61 10.72 -21.88
N GLY A 121 25.98 10.02 -22.96
CA GLY A 121 26.05 8.55 -22.93
C GLY A 121 27.05 8.02 -21.90
N GLY A 122 28.06 8.82 -21.56
CA GLY A 122 29.04 8.43 -20.55
C GLY A 122 28.40 8.39 -19.18
N VAL A 123 27.40 9.24 -18.97
CA VAL A 123 26.68 9.23 -17.72
C VAL A 123 25.76 7.99 -17.67
N THR A 124 25.08 7.73 -18.77
CA THR A 124 24.25 6.54 -18.86
C THR A 124 25.11 5.29 -18.64
N ALA A 125 26.30 5.26 -19.25
CA ALA A 125 27.18 4.09 -19.08
C ALA A 125 27.52 3.84 -17.62
N PHE A 126 27.74 4.91 -16.86
CA PHE A 126 28.01 4.72 -15.44
C PHE A 126 26.78 4.14 -14.72
N ALA A 127 25.59 4.66 -15.06
CA ALA A 127 24.37 4.14 -14.48
C ALA A 127 24.27 2.64 -14.71
N ARG A 128 24.52 2.20 -15.94
CA ARG A 128 24.46 0.79 -16.25
C ARG A 128 25.49 0.00 -15.43
N ALA A 129 26.67 0.58 -15.25
CA ALA A 129 27.75 -0.10 -14.51
C ALA A 129 27.40 -0.35 -13.05
N ILE A 130 26.51 0.48 -12.50
CA ILE A 130 26.11 0.29 -11.11
C ILE A 130 24.73 -0.34 -10.97
N GLY A 131 24.25 -0.95 -12.05
CA GLY A 131 23.00 -1.71 -12.02
C GLY A 131 21.71 -0.97 -12.31
N ASP A 132 21.83 0.27 -12.76
CA ASP A 132 20.64 1.07 -13.12
C ASP A 132 20.42 0.92 -14.62
N GLU A 133 19.41 0.12 -14.97
CA GLU A 133 19.09 -0.16 -16.37
CA GLU A 133 19.08 -0.16 -16.36
C GLU A 133 18.02 0.79 -16.91
N THR A 134 17.62 1.76 -16.10
CA THR A 134 16.53 2.66 -16.45
C THR A 134 16.95 4.08 -16.83
N PHE A 135 17.83 4.64 -16.04
CA PHE A 135 18.33 5.97 -16.25
C PHE A 135 18.82 6.17 -17.68
N ARG A 136 18.52 7.33 -18.26
CA ARG A 136 19.14 7.69 -19.53
C ARG A 136 19.36 9.19 -19.59
N LEU A 137 20.61 9.59 -19.91
CA LEU A 137 20.92 10.99 -20.19
C LEU A 137 21.25 11.06 -21.68
N ASP A 138 20.54 11.92 -22.38
CA ASP A 138 20.62 12.04 -23.84
C ASP A 138 21.17 13.36 -24.32
N ARG A 139 21.02 14.41 -23.50
CA ARG A 139 21.42 15.75 -23.89
C ARG A 139 22.22 16.44 -22.80
N THR A 140 22.85 17.54 -23.17
CA THR A 140 23.57 18.39 -22.25
C THR A 140 22.63 19.47 -21.68
N GLU A 141 23.15 20.33 -20.80
CA GLU A 141 22.42 21.49 -20.33
C GLU A 141 22.49 22.58 -21.42
N PRO A 142 21.39 23.32 -21.61
CA PRO A 142 20.14 23.29 -20.85
C PRO A 142 19.01 22.50 -21.50
N THR A 143 19.25 21.90 -22.65
CA THR A 143 18.14 21.23 -23.34
C THR A 143 17.65 19.97 -22.66
N LEU A 144 18.45 19.38 -21.78
CA LEU A 144 17.98 18.18 -21.08
C LEU A 144 16.78 18.48 -20.16
N ASN A 145 16.42 19.77 -20.03
CA ASN A 145 15.27 20.17 -19.20
C ASN A 145 13.97 20.46 -19.95
N THR A 146 13.90 20.08 -21.23
CA THR A 146 12.67 20.37 -22.01
C THR A 146 11.44 19.69 -21.39
N ALA A 147 11.64 18.50 -20.82
CA ALA A 147 10.60 17.83 -20.02
C ALA A 147 9.26 17.64 -20.74
N ILE A 148 9.31 17.37 -22.04
CA ILE A 148 8.11 17.19 -22.83
C ILE A 148 7.38 15.89 -22.46
N PRO A 149 6.07 15.97 -22.18
CA PRO A 149 5.38 14.72 -21.86
C PRO A 149 5.53 13.69 -22.96
N GLY A 150 5.81 12.45 -22.55
CA GLY A 150 5.95 11.33 -23.49
C GLY A 150 7.35 11.18 -24.07
N ASP A 151 8.21 12.16 -23.84
CA ASP A 151 9.58 12.14 -24.38
C ASP A 151 10.46 11.30 -23.44
N PRO A 152 11.07 10.23 -23.96
CA PRO A 152 11.91 9.40 -23.06
C PRO A 152 13.30 9.99 -22.78
N ARG A 153 13.70 11.01 -23.53
CA ARG A 153 15.03 11.57 -23.32
C ARG A 153 15.20 12.14 -21.93
N ASP A 154 16.34 11.83 -21.31
CA ASP A 154 16.70 12.40 -20.04
C ASP A 154 15.66 12.12 -18.95
N THR A 155 15.24 10.86 -18.90
CA THR A 155 14.27 10.44 -17.93
C THR A 155 14.76 9.27 -17.11
N THR A 156 14.00 8.97 -16.06
CA THR A 156 14.21 7.78 -15.28
C THR A 156 12.89 7.51 -14.56
N THR A 157 12.86 6.44 -13.76
CA THR A 157 11.66 6.15 -12.95
C THR A 157 11.99 6.41 -11.49
N PRO A 158 10.97 6.72 -10.68
CA PRO A 158 11.26 6.91 -9.24
C PRO A 158 11.93 5.67 -8.60
N ARG A 159 11.48 4.46 -8.94
CA ARG A 159 12.07 3.24 -8.37
C ARG A 159 13.55 3.16 -8.69
N ALA A 160 13.89 3.37 -9.96
CA ALA A 160 15.29 3.25 -10.36
C ALA A 160 16.15 4.29 -9.68
N MET A 161 15.67 5.53 -9.61
CA MET A 161 16.48 6.58 -9.02
C MET A 161 16.68 6.38 -7.52
N ALA A 162 15.65 5.86 -6.84
CA ALA A 162 15.80 5.63 -5.41
C ALA A 162 16.83 4.52 -5.16
N GLN A 163 16.76 3.45 -5.94
CA GLN A 163 17.70 2.35 -5.78
CA GLN A 163 17.71 2.35 -5.79
C GLN A 163 19.13 2.86 -6.03
N THR A 164 19.30 3.64 -7.08
CA THR A 164 20.61 4.19 -7.40
C THR A 164 21.12 5.13 -6.32
N LEU A 165 20.26 6.01 -5.84
CA LEU A 165 20.70 6.93 -4.80
C LEU A 165 21.09 6.18 -3.54
N ARG A 166 20.38 5.10 -3.22
CA ARG A 166 20.74 4.28 -2.07
C ARG A 166 22.13 3.65 -2.28
N GLN A 167 22.33 3.02 -3.45
CA GLN A 167 23.62 2.39 -3.75
C GLN A 167 24.79 3.40 -3.66
N LEU A 168 24.58 4.61 -4.18
CA LEU A 168 25.63 5.62 -4.20
C LEU A 168 25.94 6.23 -2.83
N THR A 169 24.92 6.51 -2.03
CA THR A 169 25.12 7.22 -0.76
C THR A 169 25.23 6.33 0.48
N LEU A 170 24.59 5.17 0.44
CA LEU A 170 24.57 4.28 1.61
C LEU A 170 25.21 2.93 1.33
N GLY A 171 25.29 2.59 0.05
CA GLY A 171 25.85 1.31 -0.37
C GLY A 171 27.29 1.42 -0.87
N HIS A 172 27.68 0.47 -1.70
CA HIS A 172 29.06 0.39 -2.13
C HIS A 172 29.33 0.63 -3.61
N ALA A 173 28.49 1.43 -4.24
CA ALA A 173 28.71 1.74 -5.66
C ALA A 173 29.98 2.59 -5.83
N LEU A 174 30.29 3.39 -4.81
CA LEU A 174 31.51 4.18 -4.79
C LEU A 174 32.42 3.68 -3.67
N GLY A 175 33.70 4.03 -3.77
CA GLY A 175 34.63 3.75 -2.68
C GLY A 175 34.19 4.56 -1.45
N GLU A 176 34.64 4.17 -0.27
CA GLU A 176 34.24 4.83 0.97
CA GLU A 176 34.24 4.83 0.97
C GLU A 176 34.50 6.34 0.96
N THR A 177 35.69 6.74 0.57
CA THR A 177 36.02 8.17 0.55
CA THR A 177 36.03 8.17 0.53
C THR A 177 35.13 8.93 -0.44
N GLN A 178 34.84 8.32 -1.58
CA GLN A 178 34.00 8.94 -2.61
C GLN A 178 32.54 9.03 -2.17
N ARG A 179 32.05 7.97 -1.52
CA ARG A 179 30.69 7.97 -0.99
C ARG A 179 30.55 9.09 0.05
N ALA A 180 31.54 9.22 0.92
CA ALA A 180 31.50 10.27 1.93
C ALA A 180 31.50 11.67 1.29
N GLN A 181 32.27 11.84 0.22
CA GLN A 181 32.32 13.11 -0.47
C GLN A 181 30.95 13.44 -1.07
N LEU A 182 30.33 12.45 -1.68
CA LEU A 182 29.03 12.67 -2.29
C LEU A 182 27.99 13.05 -1.24
N VAL A 183 28.01 12.36 -0.10
CA VAL A 183 27.09 12.66 0.99
C VAL A 183 27.35 14.08 1.52
N THR A 184 28.63 14.44 1.71
CA THR A 184 28.96 15.77 2.16
C THR A 184 28.40 16.82 1.19
N TRP A 185 28.56 16.59 -0.11
CA TRP A 185 28.06 17.55 -1.08
C TRP A 185 26.54 17.69 -1.02
N LEU A 186 25.84 16.56 -0.97
CA LEU A 186 24.37 16.59 -0.92
C LEU A 186 23.86 17.28 0.35
N LYS A 187 24.51 17.00 1.49
CA LYS A 187 24.11 17.62 2.75
C LYS A 187 24.31 19.14 2.70
N GLY A 188 25.27 19.60 1.91
CA GLY A 188 25.53 21.03 1.76
C GLY A 188 24.74 21.72 0.64
N ASN A 189 23.75 21.02 0.08
CA ASN A 189 22.97 21.63 -0.96
C ASN A 189 22.32 22.93 -0.50
N THR A 190 22.29 23.92 -1.39
CA THR A 190 21.67 25.20 -1.02
C THR A 190 20.25 25.37 -1.49
N THR A 191 19.79 24.49 -2.39
CA THR A 191 18.51 24.70 -3.08
C THR A 191 17.35 23.86 -2.63
N GLY A 192 17.47 23.14 -1.51
CA GLY A 192 16.43 22.18 -1.18
C GLY A 192 15.45 22.42 -0.05
N ALA A 193 15.54 23.55 0.62
CA ALA A 193 14.68 23.73 1.80
C ALA A 193 13.18 23.78 1.56
N ALA A 194 12.76 24.06 0.33
CA ALA A 194 11.32 24.16 0.02
C ALA A 194 10.73 22.87 -0.49
N SER A 195 11.59 21.88 -0.74
CA SER A 195 11.15 20.65 -1.38
C SER A 195 11.04 19.54 -0.33
N ILE A 196 11.58 18.35 -0.62
CA ILE A 196 11.40 17.23 0.31
C ILE A 196 11.63 17.66 1.75
N ARG A 197 12.70 18.40 1.99
CA ARG A 197 13.05 18.76 3.36
C ARG A 197 12.00 19.59 4.10
N ALA A 198 11.19 20.33 3.35
CA ALA A 198 10.13 21.13 3.95
C ALA A 198 9.04 20.24 4.56
N GLY A 199 8.95 18.99 4.09
CA GLY A 199 7.91 18.09 4.60
C GLY A 199 8.37 17.17 5.71
N LEU A 200 9.62 17.29 6.14
CA LEU A 200 10.18 16.45 7.19
C LEU A 200 10.19 17.12 8.54
N PRO A 201 10.11 16.33 9.62
CA PRO A 201 10.23 16.91 10.95
C PRO A 201 11.53 17.67 11.05
N THR A 202 11.49 18.82 11.72
CA THR A 202 12.68 19.68 11.84
C THR A 202 13.91 18.98 12.41
N SER A 203 13.70 17.99 13.27
CA SER A 203 14.82 17.26 13.91
C SER A 203 15.61 16.35 12.97
N TRP A 204 15.03 16.01 11.83
CA TRP A 204 15.68 15.14 10.87
C TRP A 204 16.74 15.90 10.05
N THR A 205 17.73 15.18 9.55
CA THR A 205 18.73 15.80 8.68
C THR A 205 18.69 15.08 7.33
N ALA A 206 19.17 15.76 6.30
CA ALA A 206 19.10 15.22 4.96
C ALA A 206 20.06 15.90 4.02
N GLY A 207 20.28 15.25 2.90
CA GLY A 207 21.03 15.82 1.77
C GLY A 207 20.11 15.60 0.58
N ASP A 208 20.14 16.50 -0.40
CA ASP A 208 19.24 16.34 -1.53
C ASP A 208 19.76 17.04 -2.76
N LYS A 209 19.15 16.72 -3.90
CA LYS A 209 19.42 17.41 -5.15
C LYS A 209 18.10 17.66 -5.84
N THR A 210 17.82 18.93 -6.14
CA THR A 210 16.60 19.34 -6.80
C THR A 210 16.75 19.35 -8.33
N GLY A 211 15.63 19.51 -9.01
CA GLY A 211 15.64 19.70 -10.46
C GLY A 211 14.39 20.46 -10.81
N SER A 212 14.48 21.26 -11.88
N SER A 212 14.46 21.23 -11.89
N SER A 212 14.48 21.25 -11.88
CA SER A 212 13.35 22.07 -12.36
CA SER A 212 13.30 21.97 -12.37
CA SER A 212 13.34 22.02 -12.37
C SER A 212 13.41 22.13 -13.88
C SER A 212 13.39 22.11 -13.86
C SER A 212 13.41 22.06 -13.88
N GLY A 213 12.24 22.08 -14.53
CA GLY A 213 12.22 22.16 -15.98
C GLY A 213 10.94 22.75 -16.51
N ASP A 214 10.81 22.73 -17.84
CA ASP A 214 9.57 23.15 -18.47
C ASP A 214 8.47 22.17 -18.01
N TYR A 215 7.23 22.48 -18.36
CA TYR A 215 6.06 21.69 -17.93
C TYR A 215 5.95 21.72 -16.40
N GLY A 216 6.45 22.79 -15.80
CA GLY A 216 6.39 22.94 -14.34
C GLY A 216 7.00 21.77 -13.62
N THR A 217 8.01 21.17 -14.26
CA THR A 217 8.65 19.99 -13.71
C THR A 217 9.45 20.38 -12.46
N THR A 218 9.12 19.73 -11.35
CA THR A 218 9.66 20.07 -10.03
C THR A 218 10.05 18.78 -9.34
N ASN A 219 11.36 18.58 -9.15
CA ASN A 219 11.89 17.32 -8.67
C ASN A 219 12.80 17.44 -7.47
N ASP A 220 12.97 16.34 -6.75
CA ASP A 220 13.92 16.30 -5.63
C ASP A 220 14.24 14.86 -5.32
N ILE A 221 15.51 14.58 -5.02
CA ILE A 221 15.94 13.26 -4.57
C ILE A 221 16.77 13.45 -3.32
N ALA A 222 16.50 12.66 -2.30
CA ALA A 222 17.12 12.87 -1.01
C ALA A 222 17.53 11.63 -0.28
N VAL A 223 18.54 11.81 0.55
CA VAL A 223 18.95 10.79 1.50
CA VAL A 223 18.96 10.79 1.50
C VAL A 223 18.68 11.43 2.85
N ILE A 224 17.94 10.73 3.68
CA ILE A 224 17.44 11.29 4.91
C ILE A 224 17.82 10.48 6.14
N TRP A 225 18.15 11.18 7.22
CA TRP A 225 18.48 10.53 8.49
C TRP A 225 17.44 10.96 9.52
N PRO A 226 16.39 10.15 9.69
CA PRO A 226 15.34 10.50 10.64
C PRO A 226 15.85 10.37 12.05
N GLN A 227 15.24 11.12 12.96
CA GLN A 227 15.58 11.04 14.36
C GLN A 227 15.34 9.63 14.87
N GLY A 228 16.39 8.99 15.37
CA GLY A 228 16.30 7.65 15.94
C GLY A 228 15.95 6.51 15.00
N ARG A 229 16.19 6.69 13.70
CA ARG A 229 15.88 5.66 12.71
C ARG A 229 16.98 5.50 11.68
N ALA A 230 17.04 4.34 11.03
CA ALA A 230 17.99 4.11 9.95
C ALA A 230 17.62 5.05 8.80
N PRO A 231 18.59 5.40 7.95
CA PRO A 231 18.29 6.35 6.88
C PRO A 231 17.29 5.89 5.82
N LEU A 232 16.72 6.88 5.14
CA LEU A 232 15.77 6.66 4.06
C LEU A 232 16.34 7.25 2.81
N VAL A 233 15.84 6.78 1.67
CA VAL A 233 16.11 7.40 0.40
C VAL A 233 14.74 7.72 -0.17
N LEU A 234 14.55 8.96 -0.62
CA LEU A 234 13.26 9.39 -1.13
C LEU A 234 13.37 10.18 -2.41
N VAL A 235 12.59 9.79 -3.43
CA VAL A 235 12.56 10.49 -4.69
C VAL A 235 11.15 11.00 -4.90
N THR A 236 11.02 12.29 -5.25
CA THR A 236 9.72 12.90 -5.55
C THR A 236 9.84 13.64 -6.87
N TYR A 237 9.12 13.16 -7.88
CA TYR A 237 9.13 13.74 -9.20
C TYR A 237 7.74 14.30 -9.49
N PHE A 238 7.67 15.45 -10.12
CA PHE A 238 6.37 16.06 -10.42
C PHE A 238 6.44 16.80 -11.74
N THR A 239 5.44 16.61 -12.59
CA THR A 239 5.42 17.28 -13.88
C THR A 239 3.99 17.58 -14.28
N GLN A 240 3.81 18.63 -15.06
CA GLN A 240 2.47 19.17 -15.37
C GLN A 240 2.17 19.21 -16.87
N PRO A 241 0.88 19.36 -17.23
CA PRO A 241 0.46 19.26 -18.63
C PRO A 241 0.87 20.38 -19.60
N GLN A 242 1.03 21.61 -19.12
CA GLN A 242 1.36 22.75 -20.01
CA GLN A 242 1.40 22.68 -20.05
C GLN A 242 2.81 23.19 -19.87
N GLN A 243 3.44 23.52 -20.99
N GLN A 243 3.44 23.51 -20.99
CA GLN A 243 4.85 23.91 -21.01
CA GLN A 243 4.84 23.90 -21.00
C GLN A 243 5.22 25.01 -20.03
C GLN A 243 5.19 24.99 -20.00
N ASN A 244 4.33 25.99 -19.85
CA ASN A 244 4.64 27.11 -18.98
C ASN A 244 4.10 27.04 -17.57
N ALA A 245 3.78 25.83 -17.13
CA ALA A 245 3.29 25.64 -15.76
C ALA A 245 4.29 26.15 -14.71
N GLU A 246 3.76 26.58 -13.58
CA GLU A 246 4.59 27.09 -12.50
C GLU A 246 5.20 25.98 -11.68
N SER A 247 6.32 26.27 -11.03
N SER A 247 6.32 26.28 -11.02
N SER A 247 6.32 26.29 -11.02
CA SER A 247 6.98 25.30 -10.16
CA SER A 247 6.97 25.31 -10.14
CA SER A 247 6.99 25.34 -10.14
C SER A 247 6.09 25.02 -8.95
C SER A 247 6.04 25.00 -8.98
C SER A 247 6.07 25.01 -8.95
N ARG A 248 6.12 23.77 -8.47
CA ARG A 248 5.29 23.34 -7.32
C ARG A 248 6.11 22.58 -6.29
N ARG A 249 7.08 23.24 -5.69
CA ARG A 249 7.88 22.60 -4.66
C ARG A 249 7.03 22.20 -3.47
N ASP A 250 5.90 22.91 -3.30
CA ASP A 250 4.98 22.60 -2.20
C ASP A 250 4.40 21.19 -2.35
N VAL A 251 4.22 20.74 -3.57
CA VAL A 251 3.70 19.37 -3.80
C VAL A 251 4.74 18.34 -3.36
N LEU A 252 6.02 18.63 -3.57
CA LEU A 252 7.06 17.70 -3.14
C LEU A 252 7.11 17.66 -1.61
N ALA A 253 6.99 18.84 -0.99
CA ALA A 253 6.99 18.91 0.47
C ALA A 253 5.83 18.12 1.05
N SER A 254 4.66 18.26 0.44
CA SER A 254 3.48 17.52 0.88
CA SER A 254 3.50 17.52 0.92
C SER A 254 3.68 16.01 0.76
N ALA A 255 4.27 15.58 -0.35
CA ALA A 255 4.52 14.16 -0.58
C ALA A 255 5.47 13.63 0.50
N ALA A 256 6.50 14.40 0.81
CA ALA A 256 7.45 13.99 1.82
C ALA A 256 6.80 13.91 3.21
N ARG A 257 5.88 14.83 3.49
CA ARG A 257 5.19 14.82 4.77
C ARG A 257 4.30 13.58 4.90
N ILE A 258 3.61 13.22 3.82
CA ILE A 258 2.77 12.00 3.81
C ILE A 258 3.64 10.77 4.05
N ILE A 259 4.80 10.74 3.40
CA ILE A 259 5.74 9.64 3.60
C ILE A 259 6.23 9.58 5.05
N ALA A 260 6.63 10.73 5.62
CA ALA A 260 7.11 10.76 7.00
C ALA A 260 6.04 10.33 8.00
N GLU A 261 4.81 10.81 7.79
CA GLU A 261 3.71 10.47 8.68
C GLU A 261 3.32 9.00 8.56
N GLY A 262 3.68 8.37 7.46
CA GLY A 262 3.34 6.96 7.22
C GLY A 262 4.40 5.94 7.62
N LEU A 263 5.51 6.41 8.17
CA LEU A 263 6.60 5.52 8.60
C LEU A 263 6.24 4.78 9.88
N ALA B 4 -2.55 -32.98 21.15
CA ALA B 4 -1.79 -32.83 19.88
C ALA B 4 -2.56 -31.99 18.84
N VAL B 5 -3.51 -31.18 19.30
CA VAL B 5 -4.32 -30.37 18.36
C VAL B 5 -3.44 -29.43 17.53
N GLN B 6 -2.42 -28.87 18.15
CA GLN B 6 -1.49 -27.99 17.45
C GLN B 6 -0.76 -28.74 16.34
N GLN B 7 -0.26 -29.92 16.66
CA GLN B 7 0.45 -30.73 15.69
C GLN B 7 -0.46 -31.07 14.51
N LYS B 8 -1.69 -31.41 14.82
CA LYS B 8 -2.65 -31.80 13.78
C LYS B 8 -3.01 -30.63 12.84
N LEU B 9 -3.21 -29.44 13.40
CA LEU B 9 -3.53 -28.30 12.57
C LEU B 9 -2.35 -27.90 11.69
N ALA B 10 -1.13 -27.94 12.23
CA ALA B 10 0.05 -27.61 11.45
C ALA B 10 0.22 -28.64 10.33
N ALA B 11 -0.07 -29.89 10.63
CA ALA B 11 0.05 -30.96 9.64
C ALA B 11 -0.97 -30.76 8.52
N LEU B 12 -2.20 -30.38 8.89
CA LEU B 12 -3.24 -30.15 7.89
C LEU B 12 -2.84 -28.96 7.02
N GLU B 13 -2.34 -27.92 7.64
CA GLU B 13 -1.88 -26.78 6.88
C GLU B 13 -0.78 -27.18 5.88
N LYS B 14 0.24 -27.89 6.34
CA LYS B 14 1.31 -28.31 5.44
C LYS B 14 0.77 -29.12 4.26
N SER B 15 -0.15 -30.02 4.55
CA SER B 15 -0.75 -30.84 3.51
C SER B 15 -1.51 -29.97 2.50
N SER B 16 -2.20 -28.96 3.01
CA SER B 16 -3.03 -28.06 2.17
C SER B 16 -2.25 -27.18 1.23
N GLY B 17 -1.00 -26.89 1.57
CA GLY B 17 -0.19 -25.99 0.76
C GLY B 17 -0.46 -24.51 0.99
N GLY B 18 -1.43 -24.19 1.85
CA GLY B 18 -1.78 -22.79 2.11
C GLY B 18 -1.48 -22.30 3.51
N ARG B 19 -2.22 -21.25 3.91
CA ARG B 19 -2.07 -20.62 5.23
C ARG B 19 -3.41 -20.69 5.94
N LEU B 20 -3.41 -21.38 7.07
CA LEU B 20 -4.62 -21.66 7.85
C LEU B 20 -4.65 -20.89 9.14
N GLY B 21 -5.82 -20.34 9.45
CA GLY B 21 -6.03 -19.61 10.70
C GLY B 21 -7.24 -20.17 11.41
N VAL B 22 -7.07 -20.52 12.68
CA VAL B 22 -8.15 -21.11 13.45
C VAL B 22 -8.24 -20.43 14.80
N ALA B 23 -9.47 -20.20 15.25
CA ALA B 23 -9.68 -19.71 16.60
C ALA B 23 -10.97 -20.31 17.11
N LEU B 24 -10.84 -21.05 18.21
CA LEU B 24 -11.97 -21.64 18.91
C LEU B 24 -12.13 -20.97 20.27
N ILE B 25 -13.38 -20.80 20.69
CA ILE B 25 -13.70 -20.38 22.03
C ILE B 25 -14.73 -21.39 22.51
N ASP B 26 -14.42 -22.11 23.59
CA ASP B 26 -15.38 -23.03 24.20
C ASP B 26 -16.01 -22.26 25.36
N THR B 27 -17.28 -21.87 25.23
CA THR B 27 -17.90 -21.02 26.26
C THR B 27 -18.18 -21.76 27.57
N ALA B 28 -18.06 -23.08 27.53
CA ALA B 28 -18.27 -23.87 28.74
C ALA B 28 -17.26 -23.49 29.80
N ASP B 29 -16.03 -23.22 29.37
CA ASP B 29 -14.94 -22.90 30.29
C ASP B 29 -14.08 -21.72 29.84
N ASN B 30 -14.49 -21.07 28.74
CA ASN B 30 -13.78 -19.92 28.20
C ASN B 30 -12.39 -20.25 27.60
N THR B 31 -12.10 -21.53 27.43
CA THR B 31 -10.83 -21.95 26.88
C THR B 31 -10.76 -21.69 25.37
N GLN B 32 -9.56 -21.69 24.83
CA GLN B 32 -9.34 -21.40 23.43
C GLN B 32 -8.34 -22.30 22.77
N VAL B 33 -8.47 -22.42 21.46
CA VAL B 33 -7.48 -23.09 20.64
C VAL B 33 -7.21 -22.13 19.51
N LEU B 34 -5.94 -21.80 19.31
CA LEU B 34 -5.54 -20.84 18.32
C LEU B 34 -4.45 -21.39 17.43
N TYR B 35 -4.56 -21.09 16.14
CA TYR B 35 -3.54 -21.44 15.17
C TYR B 35 -3.42 -20.29 14.20
N ARG B 36 -2.30 -19.58 14.25
CA ARG B 36 -2.14 -18.32 13.51
C ARG B 36 -3.29 -17.40 13.91
N GLY B 37 -3.66 -17.47 15.17
CA GLY B 37 -4.79 -16.71 15.68
C GLY B 37 -4.69 -15.21 15.60
N ASP B 38 -3.45 -14.70 15.53
CA ASP B 38 -3.22 -13.27 15.47
C ASP B 38 -2.74 -12.76 14.11
N GLU B 39 -2.75 -13.62 13.09
CA GLU B 39 -2.40 -13.19 11.75
C GLU B 39 -3.66 -12.65 11.06
N ARG B 40 -3.48 -11.68 10.17
CA ARG B 40 -4.60 -11.15 9.41
C ARG B 40 -4.88 -12.05 8.21
N PHE B 41 -6.17 -12.20 7.90
CA PHE B 41 -6.64 -12.96 6.74
C PHE B 41 -7.73 -12.15 6.07
N PRO B 42 -7.86 -12.25 4.74
CA PRO B 42 -8.97 -11.56 4.06
C PRO B 42 -10.28 -12.24 4.47
N MET B 43 -11.25 -11.44 4.94
CA MET B 43 -12.52 -11.97 5.45
C MET B 43 -13.46 -12.46 4.37
N CYS B 44 -13.42 -11.81 3.21
CA CYS B 44 -14.39 -12.07 2.16
C CYS B 44 -15.79 -12.04 2.78
N GLY B 45 -16.66 -12.97 2.40
CA GLY B 45 -18.07 -12.95 2.87
C GLY B 45 -18.32 -13.08 4.36
N THR B 46 -17.31 -13.52 5.11
CA THR B 46 -17.51 -13.58 6.56
C THR B 46 -17.74 -12.18 7.14
N SER B 47 -17.32 -11.14 6.41
CA SER B 47 -17.53 -9.76 6.85
C SER B 47 -19.02 -9.38 6.84
N LYS B 48 -19.83 -10.17 6.12
CA LYS B 48 -21.26 -9.89 6.06
CA LYS B 48 -21.26 -9.92 6.05
C LYS B 48 -21.93 -9.99 7.43
N VAL B 49 -21.34 -10.78 8.34
CA VAL B 49 -21.89 -10.86 9.68
C VAL B 49 -21.76 -9.51 10.40
N MET B 50 -20.62 -8.85 10.25
N MET B 50 -20.61 -8.85 10.24
CA MET B 50 -20.44 -7.55 10.90
CA MET B 50 -20.41 -7.55 10.88
C MET B 50 -21.38 -6.50 10.34
C MET B 50 -21.38 -6.50 10.34
N ALA B 51 -21.60 -6.53 9.03
CA ALA B 51 -22.50 -5.57 8.41
C ALA B 51 -23.96 -5.80 8.85
N ALA B 52 -24.41 -7.04 8.83
CA ALA B 52 -25.77 -7.33 9.27
C ALA B 52 -25.95 -6.98 10.75
N ALA B 53 -24.94 -7.33 11.57
CA ALA B 53 -24.99 -7.02 12.98
C ALA B 53 -25.05 -5.50 13.22
N ALA B 54 -24.34 -4.73 12.38
CA ALA B 54 -24.34 -3.27 12.53
C ALA B 54 -25.74 -2.71 12.27
N VAL B 55 -26.43 -3.23 11.25
CA VAL B 55 -27.79 -2.81 10.96
C VAL B 55 -28.75 -3.26 12.08
N LEU B 56 -28.50 -4.44 12.66
CA LEU B 56 -29.31 -4.89 13.78
C LEU B 56 -29.12 -3.92 14.97
N LYS B 57 -27.90 -3.48 15.18
CA LYS B 57 -27.65 -2.53 16.27
C LYS B 57 -28.41 -1.22 16.02
N GLN B 58 -28.39 -0.74 14.78
CA GLN B 58 -29.14 0.49 14.45
C GLN B 58 -30.62 0.31 14.75
N SER B 59 -31.14 -0.89 14.48
CA SER B 59 -32.56 -1.17 14.66
C SER B 59 -33.00 -1.18 16.15
N GLU B 60 -32.04 -1.17 17.06
CA GLU B 60 -32.36 -1.11 18.49
C GLU B 60 -32.93 0.25 18.84
N THR B 61 -32.57 1.27 18.06
CA THR B 61 -33.05 2.65 18.33
C THR B 61 -33.90 3.24 17.22
N GLN B 62 -33.71 2.76 15.99
CA GLN B 62 -34.59 3.12 14.85
C GLN B 62 -35.50 1.91 14.79
N LYS B 63 -36.55 1.92 15.61
CA LYS B 63 -37.42 0.72 15.81
C LYS B 63 -37.98 -0.07 14.61
N GLN B 64 -38.33 0.61 13.53
CA GLN B 64 -38.89 -0.06 12.37
CA GLN B 64 -38.88 -0.10 12.38
C GLN B 64 -37.88 -0.13 11.22
N LEU B 65 -36.61 0.08 11.52
CA LEU B 65 -35.59 0.10 10.49
C LEU B 65 -35.56 -1.14 9.59
N LEU B 66 -35.71 -2.32 10.18
CA LEU B 66 -35.63 -3.56 9.39
C LEU B 66 -36.71 -3.65 8.32
N ASN B 67 -37.78 -2.87 8.47
CA ASN B 67 -38.87 -2.88 7.49
C ASN B 67 -38.72 -1.82 6.41
N GLN B 68 -37.66 -1.03 6.51
CA GLN B 68 -37.45 0.08 5.57
C GLN B 68 -37.11 -0.42 4.18
N PRO B 69 -37.91 -0.01 3.18
CA PRO B 69 -37.64 -0.43 1.81
C PRO B 69 -36.40 0.22 1.25
N VAL B 70 -35.67 -0.51 0.42
CA VAL B 70 -34.47 -0.03 -0.20
C VAL B 70 -34.56 -0.33 -1.70
N GLU B 71 -34.34 0.67 -2.52
CA GLU B 71 -34.42 0.51 -3.97
CA GLU B 71 -34.42 0.52 -3.97
C GLU B 71 -33.30 -0.38 -4.50
N ILE B 72 -33.65 -1.31 -5.38
CA ILE B 72 -32.68 -2.17 -6.03
C ILE B 72 -32.73 -1.82 -7.51
N LYS B 73 -31.67 -1.21 -8.02
CA LYS B 73 -31.62 -0.82 -9.43
C LYS B 73 -30.80 -1.80 -10.25
N PRO B 74 -31.11 -1.92 -11.54
CA PRO B 74 -30.32 -2.80 -12.39
C PRO B 74 -28.82 -2.50 -12.27
N ALA B 75 -28.48 -1.23 -12.12
CA ALA B 75 -27.07 -0.82 -12.05
C ALA B 75 -26.39 -1.23 -10.74
N ASP B 76 -27.18 -1.60 -9.75
CA ASP B 76 -26.64 -2.00 -8.45
C ASP B 76 -26.10 -3.40 -8.45
N LEU B 77 -26.56 -4.22 -9.39
CA LEU B 77 -26.15 -5.61 -9.40
C LEU B 77 -24.66 -5.76 -9.59
N VAL B 78 -24.06 -6.65 -8.81
CA VAL B 78 -22.64 -6.93 -8.92
C VAL B 78 -22.41 -8.36 -9.43
N ASN B 79 -21.42 -9.08 -8.90
CA ASN B 79 -21.07 -10.41 -9.45
C ASN B 79 -21.95 -11.59 -9.05
N TYR B 80 -22.60 -11.51 -7.90
CA TYR B 80 -23.40 -12.62 -7.41
C TYR B 80 -24.58 -12.07 -6.63
N ASN B 81 -25.76 -12.16 -7.23
CA ASN B 81 -26.95 -11.51 -6.72
C ASN B 81 -28.18 -12.45 -6.79
N PRO B 82 -28.09 -13.63 -6.18
CA PRO B 82 -29.15 -14.63 -6.29
C PRO B 82 -30.50 -14.16 -5.82
N ILE B 83 -30.54 -13.24 -4.84
CA ILE B 83 -31.81 -12.74 -4.35
C ILE B 83 -32.15 -11.37 -4.94
N ALA B 84 -31.16 -10.47 -4.93
CA ALA B 84 -31.40 -9.11 -5.40
C ALA B 84 -31.84 -9.03 -6.87
N GLU B 85 -31.36 -9.94 -7.71
CA GLU B 85 -31.74 -9.90 -9.13
C GLU B 85 -33.25 -10.09 -9.33
N LYS B 86 -33.91 -10.75 -8.38
CA LYS B 86 -35.36 -10.94 -8.46
C LYS B 86 -36.13 -9.65 -8.18
N HIS B 87 -35.48 -8.69 -7.53
CA HIS B 87 -36.16 -7.49 -7.09
C HIS B 87 -35.69 -6.21 -7.75
N VAL B 88 -34.94 -6.35 -8.83
CA VAL B 88 -34.48 -5.19 -9.58
CA VAL B 88 -34.48 -5.18 -9.56
C VAL B 88 -35.68 -4.38 -10.05
N ASN B 89 -35.54 -3.06 -10.01
CA ASN B 89 -36.62 -2.14 -10.37
C ASN B 89 -37.74 -2.22 -9.35
N GLY B 90 -37.38 -2.72 -8.16
CA GLY B 90 -38.30 -2.80 -7.05
C GLY B 90 -37.54 -2.48 -5.78
N THR B 91 -38.03 -2.99 -4.67
CA THR B 91 -37.37 -2.75 -3.38
C THR B 91 -37.25 -4.04 -2.57
N MET B 92 -36.35 -4.00 -1.58
CA MET B 92 -36.20 -5.05 -0.59
C MET B 92 -36.08 -4.32 0.74
N THR B 93 -36.55 -4.93 1.82
CA THR B 93 -36.40 -4.29 3.11
C THR B 93 -35.01 -4.59 3.67
N LEU B 94 -34.60 -3.84 4.68
CA LEU B 94 -33.30 -4.11 5.30
C LEU B 94 -33.22 -5.52 5.93
N ALA B 95 -34.34 -6.03 6.46
CA ALA B 95 -34.35 -7.40 6.95
C ALA B 95 -34.13 -8.38 5.79
N GLU B 96 -34.80 -8.13 4.66
CA GLU B 96 -34.65 -9.01 3.49
C GLU B 96 -33.23 -8.97 2.95
N LEU B 97 -32.62 -7.79 2.97
CA LEU B 97 -31.25 -7.65 2.51
C LEU B 97 -30.27 -8.35 3.46
N SER B 98 -30.55 -8.25 4.76
CA SER B 98 -29.72 -8.92 5.77
C SER B 98 -29.79 -10.43 5.60
N ALA B 99 -30.99 -10.95 5.45
CA ALA B 99 -31.18 -12.39 5.24
C ALA B 99 -30.50 -12.86 3.94
N ALA B 100 -30.65 -12.07 2.88
CA ALA B 100 -30.05 -12.44 1.61
C ALA B 100 -28.52 -12.46 1.72
N ALA B 101 -27.95 -11.41 2.33
CA ALA B 101 -26.51 -11.36 2.51
C ALA B 101 -25.98 -12.53 3.33
N LEU B 102 -26.65 -12.80 4.43
CA LEU B 102 -26.20 -13.85 5.34
C LEU B 102 -26.45 -15.26 4.86
N GLN B 103 -27.68 -15.53 4.40
CA GLN B 103 -28.05 -16.91 4.08
C GLN B 103 -27.76 -17.36 2.66
N TYR B 104 -27.62 -16.39 1.75
CA TYR B 104 -27.33 -16.71 0.35
C TYR B 104 -26.00 -16.09 -0.11
N SER B 105 -25.38 -15.28 0.74
CA SER B 105 -24.15 -14.59 0.40
C SER B 105 -24.33 -13.64 -0.79
N ASP B 106 -25.51 -13.01 -0.85
CA ASP B 106 -25.81 -12.06 -1.92
C ASP B 106 -24.94 -10.80 -1.80
N ASN B 107 -24.15 -10.52 -2.83
CA ASN B 107 -23.22 -9.35 -2.80
C ASN B 107 -23.88 -7.99 -2.99
N THR B 108 -24.97 -7.94 -3.75
CA THR B 108 -25.72 -6.71 -3.87
C THR B 108 -26.35 -6.38 -2.51
N ALA B 109 -26.89 -7.39 -1.84
CA ALA B 109 -27.50 -7.18 -0.52
C ALA B 109 -26.45 -6.64 0.45
N MET B 110 -25.25 -7.24 0.44
CA MET B 110 -24.17 -6.75 1.28
C MET B 110 -23.87 -5.28 0.98
N ASN B 111 -23.80 -4.90 -0.29
CA ASN B 111 -23.56 -3.50 -0.61
C ASN B 111 -24.64 -2.57 -0.07
N LYS B 112 -25.90 -3.02 -0.05
CA LYS B 112 -26.96 -2.20 0.53
C LYS B 112 -26.78 -2.06 2.04
N LEU B 113 -26.30 -3.11 2.71
CA LEU B 113 -26.03 -3.02 4.15
C LEU B 113 -24.89 -2.03 4.40
N ILE B 114 -23.84 -2.13 3.59
CA ILE B 114 -22.71 -1.22 3.74
C ILE B 114 -23.16 0.25 3.52
N ALA B 115 -23.97 0.48 2.50
CA ALA B 115 -24.45 1.85 2.24
C ALA B 115 -25.30 2.38 3.40
N GLN B 116 -26.14 1.52 3.96
CA GLN B 116 -26.97 1.91 5.11
C GLN B 116 -26.11 2.37 6.30
N LEU B 117 -24.90 1.82 6.41
CA LEU B 117 -23.98 2.19 7.49
C LEU B 117 -23.05 3.35 7.12
N GLY B 118 -23.25 3.90 5.92
CA GLY B 118 -22.47 5.06 5.47
C GLY B 118 -21.16 4.71 4.79
N GLY B 119 -21.00 3.46 4.40
CA GLY B 119 -19.80 3.02 3.73
C GLY B 119 -19.03 2.00 4.58
N PRO B 120 -18.00 1.40 3.99
CA PRO B 120 -17.19 0.42 4.71
C PRO B 120 -16.72 0.94 6.09
N GLY B 121 -16.35 2.21 6.18
CA GLY B 121 -15.90 2.80 7.46
C GLY B 121 -16.97 2.72 8.55
N GLY B 122 -18.23 2.77 8.16
CA GLY B 122 -19.31 2.66 9.10
C GLY B 122 -19.41 1.26 9.68
N VAL B 123 -19.07 0.25 8.86
CA VAL B 123 -19.07 -1.12 9.36
C VAL B 123 -17.91 -1.28 10.36
N THR B 124 -16.76 -0.68 10.01
CA THR B 124 -15.61 -0.68 10.89
C THR B 124 -15.89 0.06 12.19
N ALA B 125 -16.63 1.18 12.10
CA ALA B 125 -16.98 1.93 13.32
C ALA B 125 -17.84 1.08 14.26
N PHE B 126 -18.74 0.27 13.70
CA PHE B 126 -19.56 -0.61 14.53
C PHE B 126 -18.66 -1.62 15.23
N ALA B 127 -17.71 -2.19 14.49
CA ALA B 127 -16.77 -3.13 15.09
C ALA B 127 -16.09 -2.50 16.31
N ARG B 128 -15.63 -1.26 16.14
CA ARG B 128 -14.98 -0.57 17.27
C ARG B 128 -15.95 -0.39 18.44
N ALA B 129 -17.20 -0.08 18.13
CA ALA B 129 -18.20 0.16 19.15
C ALA B 129 -18.48 -1.08 20.00
N ILE B 130 -18.24 -2.27 19.45
CA ILE B 130 -18.45 -3.51 20.21
C ILE B 130 -17.14 -4.11 20.72
N GLY B 131 -16.07 -3.35 20.64
CA GLY B 131 -14.80 -3.77 21.23
C GLY B 131 -13.84 -4.48 20.34
N ASP B 132 -14.14 -4.55 19.04
CA ASP B 132 -13.27 -5.19 18.08
C ASP B 132 -12.39 -4.12 17.47
N GLU B 133 -11.12 -4.10 17.87
CA GLU B 133 -10.16 -3.09 17.41
C GLU B 133 -9.32 -3.58 16.22
N THR B 134 -9.62 -4.80 15.75
CA THR B 134 -8.83 -5.46 14.72
C THR B 134 -9.49 -5.46 13.34
N PHE B 135 -10.77 -5.79 13.33
CA PHE B 135 -11.54 -5.83 12.09
C PHE B 135 -11.42 -4.55 11.30
N ARG B 136 -11.32 -4.67 9.99
CA ARG B 136 -11.41 -3.50 9.14
C ARG B 136 -12.09 -3.85 7.83
N LEU B 137 -13.08 -3.03 7.46
CA LEU B 137 -13.71 -3.14 6.14
C LEU B 137 -13.34 -1.87 5.41
N ASP B 138 -12.77 -2.05 4.22
CA ASP B 138 -12.25 -0.94 3.43
C ASP B 138 -12.95 -0.75 2.11
N ARG B 139 -13.48 -1.84 1.57
CA ARG B 139 -14.10 -1.80 0.26
C ARG B 139 -15.49 -2.43 0.24
N THR B 140 -16.18 -2.22 -0.88
CA THR B 140 -17.49 -2.80 -1.09
C THR B 140 -17.32 -4.12 -1.90
N GLU B 141 -18.43 -4.77 -2.22
CA GLU B 141 -18.42 -5.93 -3.09
C GLU B 141 -18.39 -5.41 -4.53
N PRO B 142 -17.61 -6.05 -5.42
CA PRO B 142 -16.91 -7.30 -5.17
C PRO B 142 -15.41 -7.18 -4.86
N THR B 143 -14.87 -5.95 -4.83
CA THR B 143 -13.42 -5.79 -4.64
C THR B 143 -12.90 -6.16 -3.26
N LEU B 144 -13.76 -6.24 -2.25
CA LEU B 144 -13.27 -6.62 -0.93
C LEU B 144 -12.75 -8.05 -0.89
N ASN B 145 -12.95 -8.78 -1.99
CA ASN B 145 -12.51 -10.18 -2.10
C ASN B 145 -11.20 -10.39 -2.85
N THR B 146 -10.44 -9.33 -3.12
CA THR B 146 -9.17 -9.52 -3.87
C THR B 146 -8.20 -10.45 -3.14
N ALA B 147 -8.21 -10.40 -1.80
CA ALA B 147 -7.44 -11.32 -0.98
C ALA B 147 -5.95 -11.39 -1.33
N ILE B 148 -5.36 -10.24 -1.61
CA ILE B 148 -3.95 -10.20 -1.95
C ILE B 148 -3.07 -10.43 -0.72
N PRO B 149 -2.09 -11.36 -0.83
CA PRO B 149 -1.22 -11.61 0.33
C PRO B 149 -0.51 -10.33 0.75
N GLY B 150 -0.53 -10.03 2.06
CA GLY B 150 0.13 -8.84 2.59
C GLY B 150 -0.72 -7.59 2.65
N ASP B 151 -1.87 -7.62 1.99
CA ASP B 151 -2.79 -6.48 1.95
C ASP B 151 -3.68 -6.48 3.21
N PRO B 152 -3.62 -5.42 4.02
CA PRO B 152 -4.39 -5.43 5.25
C PRO B 152 -5.87 -5.07 5.05
N ARG B 153 -6.24 -4.64 3.85
CA ARG B 153 -7.62 -4.23 3.63
C ARG B 153 -8.60 -5.38 3.76
N ASP B 154 -9.73 -5.11 4.39
CA ASP B 154 -10.78 -6.10 4.50
C ASP B 154 -10.33 -7.38 5.17
N THR B 155 -9.54 -7.22 6.23
CA THR B 155 -9.03 -8.36 6.98
C THR B 155 -9.39 -8.28 8.44
N THR B 156 -9.12 -9.39 9.12
CA THR B 156 -9.24 -9.46 10.58
C THR B 156 -8.41 -10.66 11.00
N THR B 157 -8.27 -10.88 12.30
CA THR B 157 -7.55 -12.06 12.78
C THR B 157 -8.56 -13.09 13.28
N PRO B 158 -8.18 -14.37 13.26
CA PRO B 158 -9.12 -15.37 13.78
C PRO B 158 -9.51 -15.10 15.25
N ARG B 159 -8.54 -14.70 16.08
CA ARG B 159 -8.85 -14.45 17.49
C ARG B 159 -9.89 -13.35 17.62
N ALA B 160 -9.70 -12.24 16.91
CA ALA B 160 -10.62 -11.12 16.99
C ALA B 160 -12.01 -11.51 16.47
N MET B 161 -12.07 -12.21 15.34
CA MET B 161 -13.35 -12.57 14.80
C MET B 161 -14.12 -13.55 15.69
N ALA B 162 -13.39 -14.48 16.32
CA ALA B 162 -14.05 -15.41 17.23
C ALA B 162 -14.61 -14.66 18.45
N GLN B 163 -13.82 -13.73 18.99
CA GLN B 163 -14.30 -12.95 20.13
C GLN B 163 -15.53 -12.14 19.73
N THR B 164 -15.49 -11.53 18.56
CA THR B 164 -16.62 -10.75 18.08
C THR B 164 -17.85 -11.63 17.84
N LEU B 165 -17.67 -12.78 17.19
CA LEU B 165 -18.81 -13.64 16.94
C LEU B 165 -19.42 -14.11 18.27
N ARG B 166 -18.59 -14.36 19.28
CA ARG B 166 -19.11 -14.76 20.59
CA ARG B 166 -19.10 -14.75 20.60
C ARG B 166 -19.93 -13.62 21.20
N GLN B 167 -19.38 -12.40 21.17
CA GLN B 167 -20.11 -11.25 21.71
C GLN B 167 -21.45 -11.02 21.00
N LEU B 168 -21.47 -11.25 19.70
CA LEU B 168 -22.67 -10.98 18.90
C LEU B 168 -23.74 -12.03 19.09
N THR B 169 -23.33 -13.29 19.13
CA THR B 169 -24.29 -14.40 19.16
C THR B 169 -24.53 -15.04 20.51
N LEU B 170 -23.48 -14.98 21.35
N LEU B 170 -23.64 -14.88 21.47
CA LEU B 170 -23.43 -15.60 22.68
CA LEU B 170 -23.89 -15.49 22.76
C LEU B 170 -23.00 -14.62 23.79
C LEU B 170 -23.82 -14.48 23.87
N GLY B 171 -23.25 -13.34 23.55
CA GLY B 171 -23.01 -12.29 24.51
C GLY B 171 -23.98 -11.15 24.31
N HIS B 172 -23.58 -9.96 24.73
CA HIS B 172 -24.47 -8.84 24.79
C HIS B 172 -24.09 -7.63 23.97
N ALA B 173 -23.39 -7.86 22.87
CA ALA B 173 -23.06 -6.74 21.98
C ALA B 173 -24.33 -6.20 21.35
N LEU B 174 -25.32 -7.09 21.15
CA LEU B 174 -26.61 -6.72 20.59
C LEU B 174 -27.68 -6.89 21.64
N GLY B 175 -28.83 -6.26 21.40
CA GLY B 175 -30.03 -6.44 22.25
C GLY B 175 -30.55 -7.85 22.10
N GLU B 176 -31.36 -8.31 23.07
CA GLU B 176 -31.85 -9.69 23.02
C GLU B 176 -32.55 -10.09 21.71
N THR B 177 -33.48 -9.25 21.25
CA THR B 177 -34.22 -9.58 20.03
C THR B 177 -33.27 -9.64 18.84
N GLN B 178 -32.30 -8.73 18.83
CA GLN B 178 -31.35 -8.63 17.73
C GLN B 178 -30.38 -9.82 17.71
N ARG B 179 -29.90 -10.24 18.88
N ARG B 179 -29.90 -10.22 18.88
CA ARG B 179 -29.02 -11.39 18.96
CA ARG B 179 -29.02 -11.38 18.96
C ARG B 179 -29.75 -12.65 18.49
C ARG B 179 -29.77 -12.61 18.44
N ALA B 180 -31.00 -12.81 18.91
CA ALA B 180 -31.80 -13.95 18.47
C ALA B 180 -31.99 -13.95 16.96
N GLN B 181 -32.24 -12.77 16.40
CA GLN B 181 -32.41 -12.65 14.95
C GLN B 181 -31.13 -13.04 14.20
N LEU B 182 -30.00 -12.59 14.70
CA LEU B 182 -28.73 -12.91 14.05
C LEU B 182 -28.49 -14.43 14.10
N VAL B 183 -28.76 -15.03 15.25
CA VAL B 183 -28.58 -16.47 15.39
C VAL B 183 -29.53 -17.24 14.47
N THR B 184 -30.79 -16.80 14.40
CA THR B 184 -31.76 -17.43 13.49
C THR B 184 -31.25 -17.35 12.06
N TRP B 185 -30.74 -16.19 11.66
CA TRP B 185 -30.24 -16.07 10.31
C TRP B 185 -29.06 -17.03 10.05
N LEU B 186 -28.09 -17.03 10.96
CA LEU B 186 -26.93 -17.90 10.78
C LEU B 186 -27.34 -19.39 10.71
N LYS B 187 -28.27 -19.80 11.59
CA LYS B 187 -28.74 -21.19 11.63
C LYS B 187 -29.45 -21.58 10.33
N GLY B 188 -29.98 -20.58 9.61
CA GLY B 188 -30.65 -20.83 8.33
C GLY B 188 -29.77 -20.67 7.11
N ASN B 189 -28.46 -20.54 7.32
CA ASN B 189 -27.55 -20.40 6.20
C ASN B 189 -27.72 -21.55 5.19
N THR B 190 -27.61 -21.23 3.91
CA THR B 190 -27.73 -22.28 2.89
C THR B 190 -26.36 -22.74 2.36
N THR B 191 -25.30 -21.98 2.64
CA THR B 191 -24.01 -22.21 2.01
C THR B 191 -22.96 -22.91 2.81
N GLY B 192 -23.30 -23.49 3.95
CA GLY B 192 -22.27 -23.99 4.84
C GLY B 192 -22.02 -25.46 5.06
N ALA B 193 -22.80 -26.32 4.41
CA ALA B 193 -22.70 -27.73 4.69
C ALA B 193 -21.35 -28.38 4.37
N ALA B 194 -20.56 -27.77 3.48
CA ALA B 194 -19.26 -28.33 3.09
C ALA B 194 -18.07 -27.80 3.90
N SER B 195 -18.32 -26.82 4.76
CA SER B 195 -17.24 -26.16 5.47
C SER B 195 -17.22 -26.64 6.93
N ILE B 196 -17.08 -25.74 7.88
CA ILE B 196 -16.92 -26.17 9.27
C ILE B 196 -17.89 -27.31 9.62
N ARG B 197 -19.14 -27.15 9.23
CA ARG B 197 -20.15 -28.11 9.61
C ARG B 197 -19.97 -29.51 9.04
N ALA B 198 -19.23 -29.62 7.94
CA ALA B 198 -18.93 -30.96 7.39
C ALA B 198 -18.00 -31.72 8.35
N GLY B 199 -17.32 -31.01 9.24
CA GLY B 199 -16.39 -31.66 10.17
C GLY B 199 -16.96 -31.93 11.55
N LEU B 200 -18.24 -31.66 11.75
CA LEU B 200 -18.87 -31.84 13.06
C LEU B 200 -19.82 -33.02 13.06
N PRO B 201 -20.03 -33.65 14.23
CA PRO B 201 -20.99 -34.74 14.35
C PRO B 201 -22.35 -34.23 13.90
N THR B 202 -23.14 -35.07 13.23
CA THR B 202 -24.44 -34.65 12.71
C THR B 202 -25.44 -34.25 13.80
N SER B 203 -25.25 -34.74 15.01
CA SER B 203 -26.15 -34.41 16.11
C SER B 203 -25.99 -32.96 16.59
N TRP B 204 -24.87 -32.34 16.26
CA TRP B 204 -24.61 -30.97 16.68
C TRP B 204 -25.39 -29.95 15.83
N THR B 205 -25.77 -28.84 16.44
CA THR B 205 -26.48 -27.79 15.76
C THR B 205 -25.51 -26.65 15.54
N ALA B 206 -25.62 -25.96 14.41
CA ALA B 206 -24.74 -24.86 14.17
C ALA B 206 -25.33 -23.85 13.22
N GLY B 207 -24.79 -22.64 13.28
CA GLY B 207 -25.09 -21.59 12.33
C GLY B 207 -23.74 -21.11 11.85
N ASP B 208 -23.65 -20.64 10.61
CA ASP B 208 -22.35 -20.19 10.11
C ASP B 208 -22.47 -19.19 8.98
N LYS B 209 -21.35 -18.57 8.64
CA LYS B 209 -21.25 -17.69 7.48
C LYS B 209 -19.96 -17.97 6.77
N THR B 210 -20.07 -18.34 5.50
CA THR B 210 -18.92 -18.63 4.68
C THR B 210 -18.39 -17.40 3.96
N GLY B 211 -17.22 -17.56 3.36
CA GLY B 211 -16.64 -16.51 2.53
C GLY B 211 -15.66 -17.15 1.55
N SER B 212 -15.55 -16.58 0.36
N SER B 212 -15.54 -16.57 0.37
N SER B 212 -15.52 -16.57 0.38
CA SER B 212 -14.65 -17.11 -0.68
CA SER B 212 -14.63 -17.06 -0.65
CA SER B 212 -14.57 -17.08 -0.60
C SER B 212 -14.08 -15.97 -1.51
C SER B 212 -14.02 -15.89 -1.39
C SER B 212 -14.05 -15.94 -1.45
N GLY B 213 -12.80 -16.07 -1.89
CA GLY B 213 -12.17 -15.04 -2.67
C GLY B 213 -11.05 -15.55 -3.53
N ASP B 214 -10.34 -14.61 -4.16
CA ASP B 214 -9.18 -14.96 -4.97
C ASP B 214 -8.13 -15.58 -4.04
N TYR B 215 -7.07 -16.11 -4.63
CA TYR B 215 -6.04 -16.82 -3.87
C TYR B 215 -6.66 -18.01 -3.13
N GLY B 216 -7.71 -18.57 -3.74
CA GLY B 216 -8.37 -19.75 -3.18
C GLY B 216 -8.78 -19.56 -1.73
N THR B 217 -9.12 -18.33 -1.39
CA THR B 217 -9.48 -17.98 -0.04
C THR B 217 -10.80 -18.64 0.28
N THR B 218 -10.79 -19.41 1.35
CA THR B 218 -11.94 -20.23 1.72
C THR B 218 -12.10 -20.08 3.21
N ASN B 219 -13.21 -19.43 3.63
CA ASN B 219 -13.45 -19.09 5.03
C ASN B 219 -14.79 -19.55 5.58
N ASP B 220 -14.89 -19.62 6.90
CA ASP B 220 -16.15 -19.94 7.57
C ASP B 220 -16.04 -19.53 9.02
N ILE B 221 -17.10 -18.95 9.55
CA ILE B 221 -17.17 -18.63 10.98
C ILE B 221 -18.48 -19.20 11.50
N ALA B 222 -18.43 -19.87 12.65
CA ALA B 222 -19.59 -20.58 13.14
C ALA B 222 -19.82 -20.53 14.62
N VAL B 223 -21.09 -20.63 14.99
CA VAL B 223 -21.50 -20.78 16.38
CA VAL B 223 -21.50 -20.79 16.38
C VAL B 223 -22.11 -22.17 16.44
N ILE B 224 -21.63 -22.98 17.38
CA ILE B 224 -21.97 -24.38 17.44
C ILE B 224 -22.49 -24.80 18.77
N TRP B 225 -23.48 -25.69 18.75
CA TRP B 225 -24.02 -26.26 19.98
C TRP B 225 -23.78 -27.76 19.97
N PRO B 226 -22.70 -28.20 20.62
CA PRO B 226 -22.41 -29.63 20.65
C PRO B 226 -23.45 -30.29 21.48
N GLN B 227 -23.81 -31.51 21.12
CA GLN B 227 -24.84 -32.23 21.84
CA GLN B 227 -24.83 -32.26 21.84
C GLN B 227 -24.59 -32.27 23.35
N GLY B 228 -25.54 -31.73 24.10
CA GLY B 228 -25.50 -31.70 25.56
C GLY B 228 -24.48 -30.79 26.22
N ARG B 229 -23.83 -29.94 25.44
CA ARG B 229 -22.80 -29.05 25.98
C ARG B 229 -22.95 -27.58 25.60
N ALA B 230 -22.24 -26.72 26.31
CA ALA B 230 -22.28 -25.28 26.07
C ALA B 230 -21.75 -24.95 24.66
N PRO B 231 -22.22 -23.84 24.07
CA PRO B 231 -21.79 -23.55 22.70
C PRO B 231 -20.34 -23.13 22.51
N LEU B 232 -19.91 -23.25 21.27
CA LEU B 232 -18.58 -22.88 20.86
C LEU B 232 -18.68 -21.90 19.76
N VAL B 233 -17.60 -21.16 19.56
CA VAL B 233 -17.44 -20.26 18.44
CA VAL B 233 -17.46 -20.30 18.40
C VAL B 233 -16.18 -20.73 17.74
N LEU B 234 -16.26 -20.93 16.43
CA LEU B 234 -15.11 -21.40 15.68
C LEU B 234 -14.94 -20.59 14.41
N VAL B 235 -13.72 -20.10 14.20
CA VAL B 235 -13.38 -19.39 12.98
C VAL B 235 -12.32 -20.20 12.27
N THR B 236 -12.50 -20.44 10.96
CA THR B 236 -11.49 -21.11 10.15
C THR B 236 -11.28 -20.30 8.88
N TYR B 237 -10.08 -19.73 8.76
CA TYR B 237 -9.72 -18.92 7.60
C TYR B 237 -8.63 -19.64 6.82
N PHE B 238 -8.70 -19.60 5.50
CA PHE B 238 -7.71 -20.30 4.68
C PHE B 238 -7.44 -19.55 3.40
N THR B 239 -6.16 -19.39 3.06
CA THR B 239 -5.82 -18.71 1.83
C THR B 239 -4.55 -19.32 1.24
N GLN B 240 -4.39 -19.21 -0.07
CA GLN B 240 -3.35 -19.95 -0.79
C GLN B 240 -2.43 -19.07 -1.61
N PRO B 241 -1.30 -19.64 -2.05
CA PRO B 241 -0.28 -18.83 -2.75
C PRO B 241 -0.64 -18.33 -4.15
N GLN B 242 -1.42 -19.10 -4.88
CA GLN B 242 -1.78 -18.76 -6.27
C GLN B 242 -3.09 -17.99 -6.40
N GLN B 243 -3.08 -16.90 -7.16
CA GLN B 243 -4.28 -16.09 -7.32
CA GLN B 243 -4.27 -16.08 -7.33
C GLN B 243 -5.48 -16.91 -7.79
N ASN B 244 -5.24 -17.85 -8.68
CA ASN B 244 -6.35 -18.66 -9.21
CA ASN B 244 -6.31 -18.69 -9.25
C ASN B 244 -6.50 -20.02 -8.55
N ALA B 245 -6.02 -20.15 -7.32
CA ALA B 245 -6.16 -21.41 -6.59
C ALA B 245 -7.63 -21.82 -6.42
N GLU B 246 -7.87 -23.12 -6.35
CA GLU B 246 -9.21 -23.66 -6.19
CA GLU B 246 -9.23 -23.61 -6.20
C GLU B 246 -9.72 -23.48 -4.76
N SER B 247 -11.03 -23.48 -4.59
CA SER B 247 -11.61 -23.43 -3.27
CA SER B 247 -11.63 -23.44 -3.26
C SER B 247 -11.28 -24.74 -2.54
N ARG B 248 -11.08 -24.64 -1.22
CA ARG B 248 -10.73 -25.81 -0.40
C ARG B 248 -11.59 -25.88 0.87
N ARG B 249 -12.90 -26.00 0.69
CA ARG B 249 -13.78 -26.11 1.86
C ARG B 249 -13.46 -27.35 2.70
N ASP B 250 -12.87 -28.36 2.07
CA ASP B 250 -12.49 -29.58 2.78
C ASP B 250 -11.47 -29.30 3.87
N VAL B 251 -10.64 -28.28 3.65
CA VAL B 251 -9.63 -27.91 4.65
C VAL B 251 -10.31 -27.35 5.89
N LEU B 252 -11.38 -26.59 5.69
CA LEU B 252 -12.13 -26.06 6.83
C LEU B 252 -12.81 -27.19 7.57
N ALA B 253 -13.41 -28.12 6.82
CA ALA B 253 -14.06 -29.26 7.43
C ALA B 253 -13.05 -30.08 8.23
N SER B 254 -11.86 -30.28 7.66
CA SER B 254 -10.82 -31.05 8.35
C SER B 254 -10.36 -30.36 9.62
N ALA B 255 -10.24 -29.04 9.56
CA ALA B 255 -9.85 -28.27 10.75
C ALA B 255 -10.92 -28.41 11.84
N ALA B 256 -12.18 -28.31 11.46
CA ALA B 256 -13.29 -28.44 12.41
C ALA B 256 -13.31 -29.84 13.03
N ARG B 257 -12.99 -30.86 12.23
CA ARG B 257 -12.98 -32.24 12.73
C ARG B 257 -11.89 -32.42 13.78
N ILE B 258 -10.73 -31.82 13.52
CA ILE B 258 -9.65 -31.88 14.49
C ILE B 258 -10.07 -31.21 15.80
N ILE B 259 -10.71 -30.05 15.69
CA ILE B 259 -11.18 -29.34 16.86
C ILE B 259 -12.24 -30.15 17.62
N ALA B 260 -13.23 -30.68 16.91
CA ALA B 260 -14.30 -31.45 17.56
C ALA B 260 -13.76 -32.67 18.31
N GLU B 261 -12.83 -33.39 17.69
CA GLU B 261 -12.28 -34.59 18.30
C GLU B 261 -11.41 -34.27 19.52
N GLY B 262 -10.97 -33.02 19.62
CA GLY B 262 -10.16 -32.59 20.74
C GLY B 262 -10.99 -31.97 21.86
N LEU B 263 -12.31 -31.92 21.67
CA LEU B 263 -13.23 -31.34 22.65
C LEU B 263 -13.48 -32.29 23.81
C YPP C . 18.18 21.99 -13.13
N YPP C . 16.96 23.73 -14.46
O YPP C . 19.29 21.56 -12.74
CA YPP C . 18.20 23.40 -13.70
CB YPP C . 18.45 24.39 -12.54
NAE YPP C . 17.31 24.45 -11.53
CAG YPP C . 16.52 25.73 -11.72
CAH YPP C . 17.44 26.88 -12.04
SAI YPP C . 18.62 26.08 -13.10
CAJ YPP C . 15.75 26.04 -10.46
OAK YPP C . 16.01 25.34 -9.46
OAL YPP C . 14.91 26.97 -10.52
CAM YPP C . 16.70 28.01 -12.79
CAN YPP C . 18.13 27.41 -10.78
CAP YPP C . 16.99 24.45 -15.58
OAQ YPP C . 18.01 24.87 -16.11
CAR YPP C . 15.63 24.67 -16.21
CAS YPP C . 14.89 25.85 -15.59
CAT YPP C . 13.80 25.63 -14.76
CAU YPP C . 13.10 26.70 -14.23
CAV YPP C . 13.50 28.00 -14.52
CAW YPP C . 14.57 28.23 -15.36
CAX YPP C . 15.26 27.15 -15.90
NAY YPP C . 15.79 24.88 -17.67
CAZ YPP C . 14.76 24.69 -18.45
OBA YPP C . 13.66 24.37 -18.00
NBB YPP C . 14.86 24.89 -19.77
CBC YPP C . 13.71 24.50 -20.62
CBD YPP C . 14.21 24.02 -21.97
NBE YPP C . 15.07 25.06 -22.55
CBF YPP C . 16.00 25.71 -21.77
OBG YPP C . 16.83 26.46 -22.29
CBH YPP C . 15.98 25.53 -20.39
OBI YPP C . 16.92 25.95 -19.71
CBJ YPP C . 15.03 25.34 -23.98
CBK YPP C . 15.94 24.37 -24.70
OXT YPP C . 17.09 21.40 -13.03
C YPP D . 31.79 1.33 -19.24
N YPP D . 32.61 1.07 -16.89
O YPP D . 30.79 1.52 -19.97
CA YPP D . 31.61 1.70 -17.76
CB YPP D . 31.60 3.23 -17.58
NAE YPP D . 32.85 3.86 -18.16
CAG YPP D . 33.69 4.50 -17.07
CAH YPP D . 32.82 4.96 -15.89
SAI YPP D . 31.55 3.69 -15.83
CAJ YPP D . 34.51 5.65 -17.68
OAK YPP D . 34.09 6.15 -18.77
OAL YPP D . 35.54 5.99 -17.09
CAM YPP D . 33.61 5.00 -14.58
CAN YPP D . 32.19 6.33 -16.17
CAP YPP D . 32.51 -0.21 -16.62
OAQ YPP D . 31.63 -0.93 -17.09
CAR YPP D . 33.49 -0.77 -15.62
CAS YPP D . 32.84 -0.53 -14.25
CAT YPP D . 32.92 0.74 -13.66
CAU YPP D . 32.28 0.99 -12.44
CAV YPP D . 31.56 -0.02 -11.82
CAW YPP D . 31.46 -1.27 -12.42
CAX YPP D . 32.09 -1.52 -13.64
NAY YPP D . 33.66 -2.22 -15.90
CAZ YPP D . 34.61 -2.96 -15.35
OBA YPP D . 35.42 -2.50 -14.53
NBB YPP D . 34.70 -4.26 -15.65
CBC YPP D . 35.71 -5.10 -14.94
CBD YPP D . 35.10 -6.47 -14.63
NBE YPP D . 34.49 -7.06 -15.86
CBF YPP D . 34.08 -6.25 -16.88
OBG YPP D . 33.82 -6.74 -17.98
CBH YPP D . 33.90 -4.88 -16.63
OBI YPP D . 33.05 -4.25 -17.26
CBJ YPP D . 34.31 -8.54 -15.97
CBK YPP D . 35.64 -9.25 -16.04
OXT YPP D . 32.90 0.88 -19.60
C YPP E . -18.32 -13.86 -0.47
N YPP E . -17.31 -14.09 -2.74
O YPP E . -19.26 -13.46 0.22
CA YPP E . -18.57 -13.88 -1.98
CB YPP E . -19.64 -14.99 -2.26
NAE YPP E . -19.15 -16.41 -1.94
CAG YPP E . -18.86 -17.14 -3.24
CAH YPP E . -19.90 -16.81 -4.29
SAI YPP E . -20.09 -15.07 -4.00
CAJ YPP E . -18.80 -18.64 -3.06
OAK YPP E . -19.25 -19.09 -2.00
OAL YPP E . -18.34 -19.30 -4.00
CAM YPP E . -21.21 -17.55 -4.02
CAN YPP E . -19.39 -17.09 -5.71
CAP YPP E . -17.08 -13.48 -3.91
OAQ YPP E . -17.83 -12.69 -4.45
CAR YPP E . -15.75 -13.83 -4.54
CAS YPP E . -15.82 -15.12 -5.35
CAT YPP E . -15.14 -16.25 -4.91
CAU YPP E . -15.19 -17.41 -5.65
CAV YPP E . -15.89 -17.47 -6.84
CAW YPP E . -16.56 -16.34 -7.29
CAX YPP E . -16.52 -15.16 -6.54
NAY YPP E . -15.31 -12.73 -5.40
CAZ YPP E . -14.01 -12.62 -5.71
OBA YPP E . -13.18 -13.42 -5.28
NBB YPP E . -13.59 -11.63 -6.52
CBC YPP E . -12.11 -11.47 -6.69
CBD YPP E . -11.79 -10.01 -6.87
NBE YPP E . -12.59 -9.46 -7.97
CBF YPP E . -13.91 -9.85 -8.14
OBG YPP E . -14.61 -9.33 -9.02
CBH YPP E . -14.45 -10.83 -7.29
OBI YPP E . -15.67 -10.96 -7.25
CBJ YPP E . -11.98 -8.45 -8.87
CBK YPP E . -12.01 -7.08 -8.18
OXT YPP E . -17.24 -14.29 -0.05
C YPP F . -25.78 -21.06 27.23
N YPP F . -27.12 -19.89 25.52
O YPP F . -24.65 -21.52 27.53
CA YPP F . -25.80 -19.98 26.15
CB YPP F . -25.41 -18.64 26.74
NAE YPP F . -26.51 -18.06 27.63
CAG YPP F . -27.29 -17.01 26.86
CAH YPP F . -26.37 -16.19 25.97
SAI YPP F . -25.22 -17.40 25.41
CAJ YPP F . -28.04 -16.06 27.83
OAK YPP F . -27.62 -15.97 29.01
OAL YPP F . -29.01 -15.43 27.34
CAM YPP F . -27.14 -15.59 24.80
CAN YPP F . -25.64 -15.11 26.79
CAP YPP F . -27.34 -20.41 24.31
OAQ YPP F . -26.47 -20.97 23.67
CAR YPP F . -28.77 -20.25 23.76
CAS YPP F . -28.86 -18.93 22.96
CAT YPP F . -30.00 -18.14 23.05
CAU YPP F . -30.09 -16.95 22.31
CAV YPP F . -29.03 -16.55 21.50
CAW YPP F . -27.88 -17.33 21.43
CAX YPP F . -27.80 -18.53 22.15
NAY YPP F . -29.11 -21.40 22.87
CAZ YPP F . -29.21 -22.64 23.36
OBA YPP F . -29.03 -22.89 24.54
NBB YPP F . -29.51 -23.68 22.54
CBC YPP F . -29.90 -24.97 23.16
CBD YPP F . -29.05 -26.09 22.58
NBE YPP F . -29.13 -26.06 21.09
CBF YPP F . -29.32 -24.83 20.41
OBG YPP F . -29.44 -24.83 19.19
CBH YPP F . -29.40 -23.64 21.13
OBI YPP F . -29.37 -22.56 20.53
CBJ YPP F . -28.95 -27.32 20.33
CBK YPP F . -29.98 -28.38 20.76
OXT YPP F . -26.87 -21.41 27.71
#